data_4DZW
#
_entry.id   4DZW
#
_cell.length_a   57.975
_cell.length_b   57.975
_cell.length_c   395.026
_cell.angle_alpha   90.00
_cell.angle_beta   90.00
_cell.angle_gamma   120.00
#
_symmetry.space_group_name_H-M   'P 61 2 2'
#
loop_
_entity.id
_entity.type
_entity.pdbx_description
1 polymer 'Farnesyl pyrophosphate synthase'
2 non-polymer '[2-(cyclohexylamino)ethane-1,1-diyl]bisphosphonic acid'
3 non-polymer 'MAGNESIUM ION'
4 non-polymer '3-METHYLBUT-3-ENYL TRIHYDROGEN DIPHOSPHATE'
5 non-polymer 'SULFATE ION'
6 water water
#
_entity_poly.entity_id   1
_entity_poly.type   'polypeptide(L)'
_entity_poly.pdbx_seq_one_letter_code
;(FME)ASMERFLSVYDEVQAFLLDQLQSKYEIDPNRARYLRIMMDTTCLGGKYFRGMTVVNVAEGFLAVTQHDEATKERI
LHDACVGGWMIEFLQAHYLVEDDIMDGSVMRRGKPCWYRFPGVTTQCAINDGIILKSWTQIMAWHYFADRPFLKDLLCLF
QKVDYATAVGQMYDVTSMCDSNKLDPEVAQPMTTDFAEFTPAIYKRIVKYKTTFYTYLLPLVMGLFVSEAAASVEMNLVE
RVAHLIGEYFQVQDDVMDCFTPPEQLGKVGTDIEDAKCSWLAVTFLGKANAAQVAEFKANYGDKDPAKVAVVKRLYSEAN
LQADFAAYEAEVVREVESLIEQLKVKSPTFAESVAVVWEKTHKRKK
;
_entity_poly.pdbx_strand_id   A
#
loop_
_chem_comp.id
_chem_comp.type
_chem_comp.name
_chem_comp.formula
0MQ non-polymer '[2-(cyclohexylamino)ethane-1,1-diyl]bisphosphonic acid' 'C8 H19 N O6 P2'
IPE non-polymer '3-METHYLBUT-3-ENYL TRIHYDROGEN DIPHOSPHATE' 'C5 H12 O7 P2'
MG non-polymer 'MAGNESIUM ION' 'Mg 2'
SO4 non-polymer 'SULFATE ION' 'O4 S -2'
#
# COMPACT_ATOMS: atom_id res chain seq x y z
N FME A 1 -10.96 3.14 -19.69
CN FME A 1 -10.83 2.42 -18.50
O1 FME A 1 -11.82 2.21 -17.80
CA FME A 1 -10.66 4.57 -19.48
CB FME A 1 -10.01 5.10 -20.77
CG FME A 1 -9.52 6.56 -20.72
SD FME A 1 -7.89 6.76 -20.04
CE FME A 1 -6.67 7.62 -20.98
C FME A 1 -11.92 5.27 -19.03
O FME A 1 -12.85 4.62 -18.54
N ALA A 2 -11.96 6.60 -19.19
CA ALA A 2 -13.09 7.45 -18.81
C ALA A 2 -13.18 7.66 -17.30
N SER A 3 -13.49 6.59 -16.56
CA SER A 3 -13.57 6.61 -15.09
C SER A 3 -12.33 7.21 -14.43
N MET A 4 -11.16 7.03 -15.05
CA MET A 4 -9.91 7.61 -14.51
C MET A 4 -9.83 9.13 -14.64
N GLU A 5 -10.15 9.67 -15.82
CA GLU A 5 -10.15 11.14 -16.01
C GLU A 5 -11.25 11.81 -15.17
N ARG A 6 -12.24 11.03 -14.78
CA ARG A 6 -13.31 11.47 -13.88
C ARG A 6 -12.84 11.37 -12.43
N PHE A 7 -11.95 10.42 -12.16
CA PHE A 7 -11.30 10.31 -10.84
C PHE A 7 -10.27 11.42 -10.63
N LEU A 8 -9.56 11.77 -11.70
CA LEU A 8 -8.55 12.84 -11.66
C LEU A 8 -9.16 14.23 -11.47
N SER A 9 -10.36 14.43 -11.98
CA SER A 9 -11.05 15.73 -11.88
C SER A 9 -11.60 15.94 -10.48
N VAL A 10 -11.91 14.83 -9.82
CA VAL A 10 -12.38 14.87 -8.45
C VAL A 10 -11.23 15.26 -7.52
N TYR A 11 -10.00 14.90 -7.91
CA TYR A 11 -8.80 15.37 -7.20
C TYR A 11 -8.74 16.88 -7.23
N ASP A 12 -9.08 17.47 -8.38
CA ASP A 12 -8.94 18.90 -8.55
C ASP A 12 -9.86 19.69 -7.63
N GLU A 13 -11.10 19.24 -7.45
CA GLU A 13 -12.01 19.89 -6.51
C GLU A 13 -11.66 19.61 -5.04
N VAL A 14 -11.03 18.47 -4.77
CA VAL A 14 -10.48 18.21 -3.44
C VAL A 14 -9.35 19.21 -3.16
N GLN A 15 -8.40 19.32 -4.09
CA GLN A 15 -7.27 20.25 -3.96
C GLN A 15 -7.75 21.69 -3.83
N ALA A 16 -8.76 22.06 -4.62
CA ALA A 16 -9.31 23.41 -4.60
C ALA A 16 -9.98 23.69 -3.27
N PHE A 17 -10.83 22.75 -2.83
CA PHE A 17 -11.57 22.90 -1.59
C PHE A 17 -10.64 23.03 -0.36
N LEU A 18 -9.60 22.21 -0.32
CA LEU A 18 -8.67 22.21 0.80
C LEU A 18 -7.90 23.51 0.91
N LEU A 19 -7.42 24.00 -0.22
CA LEU A 19 -6.66 25.24 -0.29
C LEU A 19 -7.55 26.48 -0.12
N ASP A 20 -8.82 26.35 -0.49
CA ASP A 20 -9.82 27.39 -0.22
C ASP A 20 -10.13 27.47 1.26
N GLN A 21 -10.34 26.32 1.88
CA GLN A 21 -10.54 26.24 3.34
C GLN A 21 -9.33 26.81 4.07
N LEU A 22 -8.13 26.52 3.57
CA LEU A 22 -6.91 27.09 4.14
C LEU A 22 -6.89 28.61 4.03
N GLN A 23 -7.18 29.13 2.84
CA GLN A 23 -7.20 30.57 2.58
C GLN A 23 -8.27 31.27 3.43
N SER A 24 -9.53 30.91 3.21
CA SER A 24 -10.66 31.60 3.83
C SER A 24 -10.88 31.29 5.33
N LYS A 25 -10.26 30.23 5.83
CA LYS A 25 -10.42 29.89 7.25
C LYS A 25 -9.10 29.88 8.03
N TYR A 26 -8.04 29.36 7.43
CA TYR A 26 -6.80 29.15 8.15
C TYR A 26 -5.74 30.23 7.91
N GLU A 27 -6.18 31.35 7.34
CA GLU A 27 -5.34 32.54 7.13
C GLU A 27 -4.05 32.22 6.34
N ILE A 28 -4.16 31.44 5.28
CA ILE A 28 -2.96 31.09 4.52
C ILE A 28 -2.59 32.14 3.47
N ASP A 29 -1.31 32.51 3.46
CA ASP A 29 -0.76 33.40 2.46
C ASP A 29 -0.55 32.64 1.17
N PRO A 30 -0.76 33.29 0.01
CA PRO A 30 -0.68 32.64 -1.31
C PRO A 30 0.58 31.83 -1.58
N ASN A 31 1.65 32.11 -0.84
CA ASN A 31 2.94 31.41 -1.00
C ASN A 31 2.97 30.02 -0.37
N ARG A 32 2.56 29.94 0.89
CA ARG A 32 2.45 28.67 1.61
C ARG A 32 1.37 27.77 1.00
N ALA A 33 0.28 28.38 0.52
CA ALA A 33 -0.73 27.67 -0.25
C ALA A 33 -0.09 26.99 -1.46
N ARG A 34 0.77 27.72 -2.15
CA ARG A 34 1.49 27.20 -3.31
C ARG A 34 2.31 25.97 -2.94
N TYR A 35 3.06 26.08 -1.83
CA TYR A 35 3.89 24.98 -1.31
C TYR A 35 3.06 23.73 -1.12
N LEU A 36 1.92 23.88 -0.44
CA LEU A 36 1.04 22.75 -0.15
C LEU A 36 0.33 22.21 -1.38
N ARG A 37 0.20 23.04 -2.43
CA ARG A 37 -0.33 22.57 -3.71
C ARG A 37 0.68 21.66 -4.41
N ILE A 38 1.93 22.12 -4.47
CA ILE A 38 3.01 21.34 -5.04
C ILE A 38 3.26 20.07 -4.22
N MET A 39 3.22 20.19 -2.90
CA MET A 39 3.40 19.06 -2.00
C MET A 39 2.40 17.97 -2.34
N MET A 40 1.12 18.32 -2.28
CA MET A 40 0.04 17.41 -2.65
C MET A 40 0.32 16.72 -3.99
N ASP A 41 0.40 17.49 -5.07
CA ASP A 41 0.64 16.98 -6.44
C ASP A 41 1.82 15.99 -6.54
N THR A 42 2.93 16.33 -5.89
CA THR A 42 4.14 15.53 -5.93
C THR A 42 4.01 14.21 -5.17
N THR A 43 3.28 14.22 -4.06
CA THR A 43 3.14 13.04 -3.23
C THR A 43 1.89 12.21 -3.57
N CYS A 44 0.88 12.85 -4.17
CA CYS A 44 -0.38 12.17 -4.49
C CYS A 44 -0.50 11.71 -5.94
N LEU A 45 0.06 12.50 -6.86
CA LEU A 45 0.06 12.18 -8.29
C LEU A 45 1.36 11.50 -8.70
N GLY A 46 1.37 10.88 -9.88
CA GLY A 46 2.55 10.16 -10.36
C GLY A 46 2.32 8.65 -10.35
N GLY A 47 1.61 8.17 -9.34
CA GLY A 47 1.25 6.75 -9.22
C GLY A 47 0.19 6.29 -10.20
N LYS A 48 -0.08 4.98 -10.21
CA LYS A 48 -1.07 4.37 -11.10
C LYS A 48 -2.50 4.66 -10.65
N TYR A 49 -2.66 5.12 -9.40
CA TYR A 49 -3.97 5.36 -8.78
C TYR A 49 -4.80 4.09 -8.71
N PHE A 50 -4.13 2.97 -8.48
CA PHE A 50 -4.76 1.66 -8.54
C PHE A 50 -5.63 1.34 -7.30
N ARG A 51 -5.21 1.83 -6.14
CA ARG A 51 -5.94 1.62 -4.88
C ARG A 51 -7.23 2.44 -4.82
N GLY A 52 -7.16 3.66 -5.34
CA GLY A 52 -8.29 4.58 -5.35
C GLY A 52 -9.33 4.19 -6.38
N MET A 53 -8.87 3.82 -7.58
CA MET A 53 -9.74 3.35 -8.65
C MET A 53 -10.50 2.08 -8.26
N THR A 54 -9.93 1.30 -7.33
CA THR A 54 -10.56 0.08 -6.86
C THR A 54 -11.90 0.38 -6.16
N VAL A 55 -11.98 1.51 -5.46
CA VAL A 55 -13.23 1.95 -4.84
C VAL A 55 -14.23 2.29 -5.92
N VAL A 56 -13.74 2.97 -6.96
CA VAL A 56 -14.53 3.37 -8.12
C VAL A 56 -15.08 2.15 -8.88
N ASN A 57 -14.25 1.13 -9.07
CA ASN A 57 -14.62 -0.09 -9.78
C ASN A 57 -15.69 -0.90 -9.07
N VAL A 58 -15.54 -1.05 -7.74
CA VAL A 58 -16.51 -1.78 -6.93
C VAL A 58 -17.83 -1.04 -6.93
N ALA A 59 -17.76 0.27 -6.81
CA ALA A 59 -18.94 1.12 -6.85
C ALA A 59 -19.62 1.08 -8.22
N GLU A 60 -18.81 1.04 -9.28
CA GLU A 60 -19.27 1.04 -10.67
C GLU A 60 -20.01 -0.26 -11.01
N GLY A 61 -19.57 -1.37 -10.41
CA GLY A 61 -20.18 -2.66 -10.64
C GLY A 61 -21.65 -2.66 -10.28
N PHE A 62 -21.94 -2.20 -9.06
CA PHE A 62 -23.30 -2.22 -8.50
C PHE A 62 -24.27 -1.27 -9.22
N LEU A 63 -23.75 -0.27 -9.90
CA LEU A 63 -24.60 0.67 -10.64
C LEU A 63 -25.29 -0.04 -11.81
N ALA A 64 -24.61 -1.02 -12.37
CA ALA A 64 -25.12 -1.81 -13.48
C ALA A 64 -26.30 -2.66 -13.06
N VAL A 65 -26.22 -3.21 -11.85
CA VAL A 65 -27.30 -4.06 -11.31
C VAL A 65 -28.37 -3.31 -10.48
N THR A 66 -28.03 -2.12 -9.99
CA THR A 66 -28.93 -1.40 -9.08
C THR A 66 -29.60 -0.19 -9.74
N GLN A 67 -30.91 -0.06 -9.53
CA GLN A 67 -31.69 1.08 -10.03
C GLN A 67 -31.47 2.30 -9.14
N HIS A 68 -30.98 3.37 -9.75
CA HIS A 68 -30.70 4.64 -9.09
C HIS A 68 -31.13 5.74 -10.04
N ASP A 69 -31.49 6.90 -9.51
CA ASP A 69 -31.70 8.10 -10.33
C ASP A 69 -30.40 8.44 -11.05
N GLU A 70 -30.48 9.27 -12.09
CA GLU A 70 -29.25 9.76 -12.69
C GLU A 70 -28.43 10.50 -11.63
N ALA A 71 -29.07 11.43 -10.92
CA ALA A 71 -28.43 12.18 -9.83
C ALA A 71 -27.89 11.29 -8.70
N THR A 72 -28.46 10.10 -8.54
CA THR A 72 -27.98 9.16 -7.53
C THR A 72 -26.68 8.48 -7.97
N LYS A 73 -26.67 7.95 -9.19
CA LYS A 73 -25.45 7.35 -9.78
C LYS A 73 -24.26 8.30 -9.65
N GLU A 74 -24.51 9.57 -9.98
CA GLU A 74 -23.49 10.62 -9.93
C GLU A 74 -23.04 10.93 -8.50
N ARG A 75 -23.91 10.70 -7.54
CA ARG A 75 -23.57 10.92 -6.14
C ARG A 75 -22.67 9.79 -5.64
N ILE A 76 -23.01 8.56 -6.03
CA ILE A 76 -22.26 7.37 -5.61
C ILE A 76 -20.86 7.36 -6.22
N LEU A 77 -20.78 7.62 -7.52
CA LEU A 77 -19.49 7.75 -8.25
C LEU A 77 -18.58 8.82 -7.65
N HIS A 78 -19.20 9.91 -7.20
CA HIS A 78 -18.45 11.01 -6.62
C HIS A 78 -17.88 10.62 -5.25
N ASP A 79 -18.64 9.87 -4.49
CA ASP A 79 -18.21 9.41 -3.18
C ASP A 79 -17.09 8.36 -3.27
N ALA A 80 -17.22 7.49 -4.27
CA ALA A 80 -16.20 6.53 -4.60
C ALA A 80 -14.89 7.24 -4.96
N CYS A 81 -15.01 8.42 -5.56
CA CYS A 81 -13.84 9.17 -5.99
C CYS A 81 -13.14 9.85 -4.83
N VAL A 82 -13.93 10.46 -3.95
CA VAL A 82 -13.41 11.08 -2.72
C VAL A 82 -12.87 9.99 -1.79
N GLY A 83 -13.53 8.84 -1.80
CA GLY A 83 -13.04 7.65 -1.13
C GLY A 83 -11.72 7.18 -1.70
N GLY A 84 -11.62 7.23 -3.03
CA GLY A 84 -10.39 6.85 -3.71
C GLY A 84 -9.21 7.72 -3.29
N TRP A 85 -9.45 9.03 -3.24
CA TRP A 85 -8.42 9.97 -2.86
C TRP A 85 -8.10 9.92 -1.38
N MET A 86 -9.10 9.66 -0.54
CA MET A 86 -8.85 9.48 0.89
C MET A 86 -7.75 8.45 1.09
N ILE A 87 -7.80 7.40 0.28
CA ILE A 87 -6.84 6.30 0.40
C ILE A 87 -5.46 6.69 -0.14
N GLU A 88 -5.42 7.19 -1.38
CA GLU A 88 -4.16 7.62 -2.00
C GLU A 88 -3.45 8.70 -1.16
N PHE A 89 -4.26 9.55 -0.53
CA PHE A 89 -3.77 10.56 0.42
C PHE A 89 -3.26 9.89 1.71
N LEU A 90 -3.91 8.82 2.15
CA LEU A 90 -3.40 8.04 3.28
C LEU A 90 -2.10 7.34 2.92
N GLN A 91 -1.99 6.87 1.68
CA GLN A 91 -0.77 6.24 1.23
C GLN A 91 0.37 7.25 1.10
N ALA A 92 0.12 8.35 0.41
CA ALA A 92 1.10 9.42 0.24
C ALA A 92 1.59 9.89 1.60
N HIS A 93 0.70 9.92 2.59
CA HIS A 93 1.10 10.12 3.97
C HIS A 93 2.17 9.12 4.42
N TYR A 94 1.88 7.83 4.29
CA TYR A 94 2.83 6.78 4.69
C TYR A 94 4.10 6.74 3.85
N LEU A 95 3.95 6.85 2.53
CA LEU A 95 5.12 6.83 1.65
C LEU A 95 6.12 7.89 2.09
N VAL A 96 5.67 9.15 2.13
CA VAL A 96 6.52 10.27 2.55
C VAL A 96 7.30 9.95 3.83
N GLU A 97 6.59 9.43 4.84
CA GLU A 97 7.16 9.12 6.15
C GLU A 97 8.00 7.83 6.19
N ASP A 98 7.62 6.86 5.37
CA ASP A 98 8.38 5.61 5.25
C ASP A 98 9.75 5.87 4.64
N ASP A 99 9.79 6.69 3.60
CA ASP A 99 11.02 6.99 2.89
C ASP A 99 12.04 7.74 3.74
N ILE A 100 11.55 8.64 4.60
CA ILE A 100 12.40 9.33 5.57
C ILE A 100 12.99 8.32 6.56
N MET A 101 12.14 7.39 7.00
CA MET A 101 12.50 6.35 7.97
C MET A 101 13.56 5.42 7.38
N ASP A 102 13.30 4.93 6.18
CA ASP A 102 14.21 4.02 5.49
C ASP A 102 15.49 4.74 5.04
N GLY A 103 15.33 5.97 4.56
CA GLY A 103 16.44 6.75 4.03
C GLY A 103 16.55 6.55 2.53
N SER A 104 15.42 6.60 1.84
CA SER A 104 15.32 6.32 0.40
C SER A 104 15.86 7.45 -0.49
N VAL A 105 16.01 7.18 -1.78
CA VAL A 105 16.50 8.19 -2.73
C VAL A 105 15.51 8.49 -3.87
N MET A 106 14.91 7.44 -4.41
CA MET A 106 14.02 7.54 -5.56
C MET A 106 12.68 6.87 -5.24
N ARG A 107 11.64 7.28 -5.96
CA ARG A 107 10.29 6.73 -5.84
C ARG A 107 9.48 7.28 -7.02
N ARG A 108 9.07 6.39 -7.93
CA ARG A 108 8.35 6.76 -9.16
C ARG A 108 9.23 7.62 -10.10
N GLY A 109 10.53 7.34 -10.13
CA GLY A 109 11.47 8.06 -10.99
C GLY A 109 11.96 9.39 -10.42
N LYS A 110 11.14 10.02 -9.57
CA LYS A 110 11.46 11.31 -8.95
C LYS A 110 12.02 11.10 -7.52
N PRO A 111 12.79 12.08 -7.00
CA PRO A 111 13.30 11.99 -5.63
C PRO A 111 12.19 11.92 -4.58
N CYS A 112 12.54 11.41 -3.42
CA CYS A 112 11.62 11.39 -2.30
C CYS A 112 11.40 12.82 -1.84
N TRP A 113 10.19 13.13 -1.37
CA TRP A 113 9.80 14.49 -1.02
C TRP A 113 10.80 15.22 -0.13
N TYR A 114 11.28 14.55 0.91
CA TYR A 114 12.23 15.15 1.85
C TYR A 114 13.57 15.51 1.20
N ARG A 115 13.90 14.85 0.09
CA ARG A 115 15.14 15.13 -0.62
C ARG A 115 15.06 16.35 -1.55
N PHE A 116 13.85 16.88 -1.77
CA PHE A 116 13.68 18.14 -2.51
C PHE A 116 14.46 19.25 -1.80
N PRO A 117 15.26 20.04 -2.55
CA PRO A 117 16.20 21.00 -1.96
C PRO A 117 15.52 21.93 -0.97
N GLY A 118 14.33 22.40 -1.33
CA GLY A 118 13.57 23.33 -0.50
C GLY A 118 12.41 22.69 0.24
N VAL A 119 12.64 21.47 0.72
CA VAL A 119 11.68 20.80 1.59
C VAL A 119 12.40 20.47 2.89
N THR A 120 13.37 19.55 2.82
CA THR A 120 14.12 19.10 4.00
C THR A 120 13.26 18.18 4.89
N THR A 121 13.94 17.29 5.61
CA THR A 121 13.34 16.39 6.58
C THR A 121 12.46 17.14 7.60
N GLN A 122 12.87 18.34 7.96
CA GLN A 122 12.16 19.16 8.93
C GLN A 122 10.72 19.45 8.52
N CYS A 123 10.51 19.75 7.22
CA CYS A 123 9.18 20.05 6.72
C CYS A 123 8.41 18.81 6.29
N ALA A 124 9.08 17.93 5.55
CA ALA A 124 8.44 16.74 5.00
C ALA A 124 7.68 15.92 6.06
N ILE A 125 8.29 15.78 7.23
CA ILE A 125 7.66 15.07 8.35
C ILE A 125 6.27 15.63 8.62
N ASN A 126 6.16 16.96 8.71
CA ASN A 126 4.90 17.64 8.98
C ASN A 126 3.95 17.58 7.78
N ASP A 127 4.53 17.71 6.58
CA ASP A 127 3.76 17.60 5.35
C ASP A 127 3.03 16.26 5.33
N GLY A 128 3.73 15.20 5.71
CA GLY A 128 3.14 13.87 5.88
C GLY A 128 1.95 13.85 6.80
N ILE A 129 2.10 14.49 7.97
CA ILE A 129 1.02 14.64 8.96
C ILE A 129 -0.21 15.33 8.38
N ILE A 130 0.03 16.33 7.53
CA ILE A 130 -1.04 17.08 6.87
C ILE A 130 -1.76 16.22 5.84
N LEU A 131 -1.01 15.36 5.15
CA LEU A 131 -1.57 14.54 4.10
C LEU A 131 -2.69 13.63 4.61
N LYS A 132 -2.49 13.03 5.78
CA LYS A 132 -3.50 12.21 6.42
C LYS A 132 -4.60 13.08 7.03
N SER A 133 -4.20 14.22 7.60
CA SER A 133 -5.15 15.19 8.12
C SER A 133 -6.18 15.57 7.07
N TRP A 134 -5.71 15.69 5.83
CA TRP A 134 -6.56 15.99 4.70
C TRP A 134 -7.58 14.90 4.40
N THR A 135 -7.26 13.65 4.72
CA THR A 135 -8.19 12.56 4.47
C THR A 135 -9.42 12.72 5.34
N GLN A 136 -9.27 13.39 6.48
CA GLN A 136 -10.37 13.53 7.42
C GLN A 136 -11.34 14.64 7.02
N ILE A 137 -10.79 15.76 6.55
CA ILE A 137 -11.60 16.89 6.13
C ILE A 137 -12.39 16.50 4.88
N MET A 138 -11.77 15.71 4.01
CA MET A 138 -12.45 15.15 2.87
C MET A 138 -13.71 14.44 3.36
N ALA A 139 -13.51 13.50 4.28
CA ALA A 139 -14.58 12.70 4.86
C ALA A 139 -15.67 13.55 5.48
N TRP A 140 -15.27 14.48 6.35
CA TRP A 140 -16.23 15.30 7.10
C TRP A 140 -16.98 16.29 6.22
N HIS A 141 -16.32 16.80 5.17
CA HIS A 141 -16.97 17.71 4.23
C HIS A 141 -17.90 16.96 3.31
N TYR A 142 -17.35 16.05 2.51
CA TYR A 142 -18.09 15.43 1.41
C TYR A 142 -19.12 14.43 1.87
N PHE A 143 -18.78 13.67 2.91
CA PHE A 143 -19.70 12.67 3.45
C PHE A 143 -20.38 13.16 4.75
N ALA A 144 -20.60 14.47 4.84
CA ALA A 144 -21.18 15.09 6.05
C ALA A 144 -22.50 14.44 6.50
N ASP A 145 -23.38 14.14 5.54
CA ASP A 145 -24.71 13.59 5.83
C ASP A 145 -24.97 12.24 5.16
N ARG A 146 -23.97 11.37 5.19
CA ARG A 146 -24.10 10.03 4.62
C ARG A 146 -24.20 9.01 5.75
N PRO A 147 -25.10 8.01 5.62
CA PRO A 147 -25.21 6.95 6.63
C PRO A 147 -23.96 6.08 6.78
N PHE A 148 -23.06 6.10 5.79
CA PHE A 148 -21.87 5.26 5.88
C PHE A 148 -20.67 5.93 6.55
N LEU A 149 -20.85 7.19 6.98
CA LEU A 149 -19.78 7.98 7.57
C LEU A 149 -19.23 7.34 8.83
N LYS A 150 -20.10 7.02 9.79
CA LYS A 150 -19.64 6.45 11.05
C LYS A 150 -18.93 5.12 10.80
N ASP A 151 -19.45 4.32 9.88
CA ASP A 151 -18.80 3.09 9.47
C ASP A 151 -17.47 3.37 8.76
N LEU A 152 -17.52 4.21 7.73
CA LEU A 152 -16.36 4.53 6.89
C LEU A 152 -15.20 5.17 7.64
N LEU A 153 -15.48 6.08 8.56
CA LEU A 153 -14.44 6.65 9.42
C LEU A 153 -13.81 5.59 10.30
N CYS A 154 -14.67 4.71 10.83
CA CYS A 154 -14.24 3.65 11.71
C CYS A 154 -13.38 2.62 10.97
N LEU A 155 -13.78 2.30 9.73
CA LEU A 155 -12.99 1.41 8.89
C LEU A 155 -11.65 2.07 8.57
N PHE A 156 -11.68 3.35 8.22
CA PHE A 156 -10.48 4.13 7.94
C PHE A 156 -9.50 4.20 9.11
N GLN A 157 -10.00 4.53 10.30
CA GLN A 157 -9.19 4.63 11.51
C GLN A 157 -8.46 3.33 11.83
N LYS A 158 -9.18 2.21 11.73
CA LYS A 158 -8.60 0.90 12.01
C LYS A 158 -7.59 0.47 10.94
N VAL A 159 -7.93 0.73 9.67
CA VAL A 159 -7.01 0.44 8.58
C VAL A 159 -5.69 1.18 8.80
N ASP A 160 -5.81 2.48 9.08
CA ASP A 160 -4.66 3.32 9.37
C ASP A 160 -3.79 2.73 10.49
N TYR A 161 -4.42 2.39 11.62
CA TYR A 161 -3.75 1.80 12.78
C TYR A 161 -3.05 0.50 12.40
N ALA A 162 -3.75 -0.36 11.66
CA ALA A 162 -3.17 -1.58 11.11
C ALA A 162 -1.89 -1.28 10.35
N THR A 163 -1.95 -0.27 9.47
CA THR A 163 -0.81 0.08 8.65
C THR A 163 0.36 0.57 9.50
N ALA A 164 0.08 1.41 10.50
CA ALA A 164 1.12 1.92 11.38
C ALA A 164 1.76 0.77 12.17
N VAL A 165 0.93 -0.15 12.65
CA VAL A 165 1.42 -1.30 13.39
C VAL A 165 2.36 -2.11 12.49
N GLY A 166 1.89 -2.39 11.28
CA GLY A 166 2.65 -3.17 10.31
C GLY A 166 3.93 -2.50 9.88
N GLN A 167 3.93 -1.17 9.96
CA GLN A 167 5.10 -0.34 9.71
C GLN A 167 6.18 -0.57 10.79
N MET A 168 5.75 -0.76 12.03
CA MET A 168 6.65 -1.11 13.11
C MET A 168 7.19 -2.52 12.92
N TYR A 169 6.28 -3.43 12.60
CA TYR A 169 6.66 -4.81 12.31
C TYR A 169 7.75 -4.87 11.25
N ASP A 170 7.57 -4.05 10.20
CA ASP A 170 8.48 -4.04 9.07
C ASP A 170 9.86 -3.50 9.42
N VAL A 171 9.89 -2.40 10.16
CA VAL A 171 11.12 -1.69 10.44
C VAL A 171 11.98 -2.35 11.56
N THR A 172 11.41 -3.34 12.24
CA THR A 172 12.07 -3.99 13.38
C THR A 172 12.36 -5.47 13.12
N SER A 173 12.18 -5.89 11.87
CA SER A 173 12.32 -7.30 11.51
C SER A 173 13.77 -7.79 11.40
N MET A 174 14.72 -6.86 11.33
CA MET A 174 16.15 -7.21 11.20
C MET A 174 16.89 -7.47 12.53
N CYS A 175 16.33 -6.96 13.62
CA CYS A 175 16.87 -7.27 14.95
C CYS A 175 16.01 -8.28 15.68
N ASP A 176 16.61 -8.97 16.64
CA ASP A 176 15.97 -10.02 17.44
C ASP A 176 14.96 -9.46 18.43
N SER A 177 13.76 -10.05 18.43
CA SER A 177 12.65 -9.61 19.30
C SER A 177 12.99 -9.52 20.79
N ASN A 178 13.67 -10.53 21.32
CA ASN A 178 14.05 -10.58 22.74
C ASN A 178 15.10 -9.55 23.13
N LYS A 179 15.83 -9.03 22.14
CA LYS A 179 16.83 -7.98 22.34
C LYS A 179 16.28 -6.54 22.27
N LEU A 180 15.01 -6.40 21.85
CA LEU A 180 14.35 -5.08 21.69
C LEU A 180 14.31 -4.28 22.99
N ASP A 181 14.96 -3.13 22.95
CA ASP A 181 15.19 -2.33 24.14
C ASP A 181 15.37 -0.88 23.71
N PRO A 182 14.49 0.03 24.19
CA PRO A 182 14.58 1.45 23.85
C PRO A 182 15.88 2.11 24.32
N GLU A 183 16.58 1.43 25.23
CA GLU A 183 17.77 1.99 25.84
C GLU A 183 19.07 1.33 25.35
N VAL A 184 18.93 0.17 24.71
CA VAL A 184 20.07 -0.51 24.10
C VAL A 184 19.93 -0.41 22.58
N ALA A 185 20.98 0.04 21.91
CA ALA A 185 21.00 0.15 20.46
C ALA A 185 20.75 -1.20 19.81
N GLN A 186 19.93 -1.23 18.76
CA GLN A 186 19.50 -2.50 18.15
C GLN A 186 20.53 -3.12 17.18
N PRO A 187 21.17 -4.23 17.59
CA PRO A 187 22.07 -4.95 16.67
C PRO A 187 21.30 -5.85 15.70
N MET A 188 21.90 -6.11 14.54
CA MET A 188 21.27 -6.96 13.53
C MET A 188 21.31 -8.43 13.95
N THR A 189 20.28 -9.17 13.53
CA THR A 189 20.20 -10.60 13.83
C THR A 189 21.33 -11.35 13.15
N THR A 190 21.89 -12.32 13.88
CA THR A 190 22.91 -13.21 13.34
C THR A 190 22.30 -14.56 12.96
N ASP A 191 21.38 -15.05 13.80
CA ASP A 191 20.72 -16.34 13.57
C ASP A 191 19.59 -16.30 12.55
N PHE A 192 18.96 -15.14 12.37
CA PHE A 192 17.85 -14.93 11.44
C PHE A 192 16.69 -15.88 11.73
N ALA A 193 16.49 -16.18 13.02
CA ALA A 193 15.47 -17.17 13.42
C ALA A 193 14.03 -16.67 13.23
N GLU A 194 13.90 -15.39 12.89
CA GLU A 194 12.60 -14.76 12.72
C GLU A 194 12.36 -14.42 11.26
N PHE A 195 13.06 -15.14 10.38
CA PHE A 195 12.82 -15.08 8.95
C PHE A 195 11.99 -16.30 8.52
N THR A 196 10.84 -16.47 9.18
CA THR A 196 9.91 -17.55 8.89
C THR A 196 8.81 -17.04 7.96
N PRO A 197 8.06 -17.95 7.29
CA PRO A 197 6.89 -17.46 6.54
C PRO A 197 5.79 -16.91 7.43
N ALA A 198 5.67 -17.44 8.65
CA ALA A 198 4.64 -17.00 9.60
C ALA A 198 4.86 -15.57 10.11
N ILE A 199 6.11 -15.21 10.34
CA ILE A 199 6.49 -13.85 10.72
C ILE A 199 6.46 -12.91 9.50
N TYR A 200 6.88 -13.43 8.34
CA TYR A 200 6.86 -12.63 7.12
C TYR A 200 5.44 -12.21 6.75
N LYS A 201 4.51 -13.18 6.73
CA LYS A 201 3.12 -12.90 6.39
C LYS A 201 2.51 -11.92 7.38
N ARG A 202 2.99 -11.95 8.62
CA ARG A 202 2.55 -11.05 9.69
C ARG A 202 2.93 -9.60 9.38
N ILE A 203 4.12 -9.43 8.82
CA ILE A 203 4.61 -8.12 8.41
C ILE A 203 3.72 -7.56 7.29
N VAL A 204 3.75 -8.24 6.14
CA VAL A 204 2.98 -7.86 4.94
C VAL A 204 1.50 -7.60 5.22
N LYS A 205 0.84 -8.53 5.92
CA LYS A 205 -0.58 -8.40 6.24
C LYS A 205 -0.92 -6.97 6.67
N TYR A 206 -0.31 -6.53 7.77
CA TYR A 206 -0.60 -5.24 8.38
C TYR A 206 -0.02 -4.07 7.61
N LYS A 207 1.24 -4.18 7.18
CA LYS A 207 1.93 -3.07 6.52
C LYS A 207 1.44 -2.75 5.09
N THR A 208 0.67 -3.66 4.49
CA THR A 208 0.20 -3.46 3.11
C THR A 208 -1.25 -3.87 2.84
N THR A 209 -1.57 -5.14 3.07
CA THR A 209 -2.82 -5.70 2.58
C THR A 209 -4.04 -4.92 3.06
N PHE A 210 -4.04 -4.58 4.35
CA PHE A 210 -5.13 -3.82 4.96
C PHE A 210 -5.49 -2.55 4.17
N TYR A 211 -4.50 -1.71 3.89
CA TYR A 211 -4.78 -0.44 3.21
C TYR A 211 -4.79 -0.54 1.69
N THR A 212 -3.97 -1.41 1.10
CA THR A 212 -3.92 -1.52 -0.37
C THR A 212 -5.09 -2.28 -1.00
N TYR A 213 -5.64 -3.26 -0.27
CA TYR A 213 -6.75 -4.05 -0.78
C TYR A 213 -8.02 -4.02 0.05
N LEU A 214 -7.90 -4.21 1.36
CA LEU A 214 -9.08 -4.17 2.21
C LEU A 214 -9.79 -2.82 2.09
N LEU A 215 -9.12 -1.76 2.55
CA LEU A 215 -9.73 -0.43 2.57
C LEU A 215 -10.49 -0.07 1.27
N PRO A 216 -9.82 -0.19 0.09
CA PRO A 216 -10.45 0.11 -1.19
C PRO A 216 -11.69 -0.72 -1.50
N LEU A 217 -11.64 -2.02 -1.23
CA LEU A 217 -12.77 -2.91 -1.54
C LEU A 217 -14.00 -2.60 -0.69
N VAL A 218 -13.79 -2.44 0.62
CA VAL A 218 -14.89 -2.18 1.54
C VAL A 218 -15.45 -0.76 1.38
N MET A 219 -14.58 0.20 1.07
CA MET A 219 -15.01 1.55 0.79
C MET A 219 -15.92 1.55 -0.42
N GLY A 220 -15.60 0.69 -1.39
CA GLY A 220 -16.47 0.45 -2.54
C GLY A 220 -17.87 0.01 -2.14
N LEU A 221 -17.96 -0.85 -1.13
CA LEU A 221 -19.23 -1.34 -0.63
C LEU A 221 -19.95 -0.25 0.14
N PHE A 222 -19.23 0.36 1.07
CA PHE A 222 -19.71 1.47 1.90
C PHE A 222 -20.40 2.56 1.08
N VAL A 223 -19.72 3.06 0.04
CA VAL A 223 -20.28 4.11 -0.82
C VAL A 223 -21.50 3.62 -1.61
N SER A 224 -21.62 2.30 -1.74
CA SER A 224 -22.68 1.70 -2.53
C SER A 224 -23.77 1.06 -1.68
N GLU A 225 -23.62 1.13 -0.36
CA GLU A 225 -24.56 0.52 0.59
C GLU A 225 -24.82 -0.93 0.22
N ALA A 226 -23.74 -1.71 0.15
CA ALA A 226 -23.80 -3.11 -0.23
C ALA A 226 -22.98 -3.99 0.71
N ALA A 227 -22.64 -3.41 1.87
CA ALA A 227 -21.91 -4.15 2.91
C ALA A 227 -22.78 -5.28 3.42
N ALA A 228 -24.09 -5.10 3.27
CA ALA A 228 -25.09 -6.10 3.63
C ALA A 228 -25.17 -7.21 2.58
N SER A 229 -24.63 -6.97 1.39
CA SER A 229 -24.72 -7.95 0.30
C SER A 229 -23.43 -8.77 0.11
N VAL A 230 -22.54 -8.73 1.09
CA VAL A 230 -21.36 -9.61 1.12
C VAL A 230 -21.20 -10.28 2.48
N GLU A 231 -20.54 -11.44 2.48
CA GLU A 231 -19.96 -11.99 3.70
C GLU A 231 -18.66 -11.23 3.95
N MET A 232 -18.59 -10.51 5.07
CA MET A 232 -17.44 -9.64 5.33
C MET A 232 -16.14 -10.43 5.59
N ASN A 233 -16.27 -11.56 6.29
CA ASN A 233 -15.15 -12.49 6.51
C ASN A 233 -14.50 -12.88 5.20
N LEU A 234 -15.34 -13.16 4.19
CA LEU A 234 -14.89 -13.56 2.87
C LEU A 234 -14.08 -12.43 2.21
N VAL A 235 -14.64 -11.20 2.26
CA VAL A 235 -13.98 -10.01 1.71
C VAL A 235 -12.64 -9.78 2.40
N GLU A 236 -12.61 -10.06 3.70
CA GLU A 236 -11.43 -9.87 4.53
C GLU A 236 -10.31 -10.76 3.98
N ARG A 237 -10.59 -12.06 3.93
CA ARG A 237 -9.61 -13.11 3.59
C ARG A 237 -8.99 -12.97 2.21
N VAL A 238 -9.80 -12.57 1.23
CA VAL A 238 -9.31 -12.38 -0.13
C VAL A 238 -8.29 -11.22 -0.21
N ALA A 239 -8.59 -10.13 0.49
CA ALA A 239 -7.73 -8.95 0.51
C ALA A 239 -6.38 -9.21 1.19
N HIS A 240 -6.37 -10.10 2.17
CA HIS A 240 -5.13 -10.46 2.86
C HIS A 240 -4.25 -11.36 2.00
N LEU A 241 -4.85 -12.00 1.01
CA LEU A 241 -4.13 -12.94 0.15
C LEU A 241 -3.64 -12.27 -1.14
N ILE A 242 -4.49 -11.48 -1.79
CA ILE A 242 -4.11 -10.74 -3.00
C ILE A 242 -3.08 -9.67 -2.66
N GLY A 243 -3.20 -9.12 -1.45
CA GLY A 243 -2.25 -8.14 -0.93
C GLY A 243 -0.90 -8.74 -0.54
N GLU A 244 -0.91 -9.96 -0.03
CA GLU A 244 0.33 -10.68 0.31
C GLU A 244 1.17 -10.88 -0.95
N TYR A 245 0.51 -11.35 -2.01
CA TYR A 245 1.12 -11.53 -3.32
C TYR A 245 1.67 -10.20 -3.87
N PHE A 246 0.92 -9.11 -3.67
CA PHE A 246 1.32 -7.79 -4.13
C PHE A 246 2.71 -7.42 -3.60
N GLN A 247 2.90 -7.61 -2.29
CA GLN A 247 4.17 -7.33 -1.65
C GLN A 247 5.23 -8.33 -2.06
N VAL A 248 4.83 -9.58 -2.29
CA VAL A 248 5.77 -10.61 -2.72
C VAL A 248 6.33 -10.24 -4.08
N GLN A 249 5.50 -9.68 -4.95
CA GLN A 249 5.96 -9.14 -6.23
C GLN A 249 6.97 -8.02 -6.04
N ASP A 250 6.68 -7.12 -5.11
CA ASP A 250 7.55 -5.99 -4.81
C ASP A 250 8.93 -6.50 -4.39
N ASP A 251 8.94 -7.48 -3.50
CA ASP A 251 10.16 -8.00 -2.91
C ASP A 251 11.09 -8.60 -3.96
N VAL A 252 10.50 -9.34 -4.90
CA VAL A 252 11.22 -9.93 -6.02
C VAL A 252 11.75 -8.82 -6.93
N MET A 253 10.85 -7.94 -7.36
CA MET A 253 11.20 -6.85 -8.26
C MET A 253 12.38 -6.06 -7.75
N ASP A 254 12.27 -5.60 -6.50
CA ASP A 254 13.36 -4.94 -5.78
C ASP A 254 14.74 -5.52 -6.15
N CYS A 255 14.91 -6.82 -5.89
CA CYS A 255 16.17 -7.51 -6.18
C CYS A 255 16.42 -7.70 -7.68
N PHE A 256 15.37 -8.00 -8.43
CA PHE A 256 15.49 -8.38 -9.85
C PHE A 256 14.64 -7.53 -10.79
N THR A 257 14.98 -6.24 -10.89
CA THR A 257 14.36 -5.33 -11.86
C THR A 257 15.24 -4.08 -11.96
N PRO A 258 15.61 -3.71 -13.20
CA PRO A 258 16.49 -2.55 -13.41
C PRO A 258 15.94 -1.27 -12.78
N PRO A 259 16.83 -0.44 -12.16
CA PRO A 259 16.47 0.85 -11.58
C PRO A 259 15.51 1.68 -12.44
N GLU A 260 15.75 1.72 -13.76
CA GLU A 260 14.89 2.48 -14.70
C GLU A 260 13.46 1.96 -14.68
N GLN A 261 13.31 0.64 -14.76
CA GLN A 261 12.00 -0.01 -14.78
C GLN A 261 11.30 0.03 -13.42
N LEU A 262 12.09 -0.10 -12.35
CA LEU A 262 11.55 -0.14 -10.99
C LEU A 262 10.99 1.19 -10.51
N GLY A 263 11.63 2.29 -10.92
CA GLY A 263 11.29 3.61 -10.41
C GLY A 263 12.20 4.02 -9.26
N LYS A 264 12.93 3.06 -8.71
CA LYS A 264 13.89 3.29 -7.62
C LYS A 264 15.08 2.32 -7.70
N VAL A 265 16.10 2.57 -6.88
CA VAL A 265 17.19 1.60 -6.68
C VAL A 265 16.97 0.80 -5.40
N GLY A 266 16.66 -0.49 -5.57
CA GLY A 266 16.33 -1.39 -4.46
C GLY A 266 17.47 -1.71 -3.53
N THR A 267 17.23 -1.48 -2.23
CA THR A 267 18.17 -1.82 -1.17
C THR A 267 17.42 -2.51 -0.03
N ASP A 268 16.97 -3.73 -0.27
CA ASP A 268 16.38 -4.52 0.78
C ASP A 268 17.49 -5.35 1.42
N ILE A 269 18.44 -5.79 0.60
CA ILE A 269 19.58 -6.58 1.05
C ILE A 269 20.50 -5.74 1.92
N GLU A 270 20.72 -4.49 1.49
CA GLU A 270 21.48 -3.52 2.28
C GLU A 270 20.75 -3.27 3.60
N ASP A 271 19.45 -2.98 3.48
CA ASP A 271 18.60 -2.70 4.62
C ASP A 271 18.30 -3.93 5.49
N ALA A 272 18.85 -5.09 5.15
CA ALA A 272 18.63 -6.34 5.89
C ALA A 272 17.15 -6.71 6.03
N LYS A 273 16.37 -6.38 5.01
CA LYS A 273 14.93 -6.55 5.05
C LYS A 273 14.53 -8.03 5.17
N CYS A 274 13.45 -8.27 5.92
CA CYS A 274 12.82 -9.58 5.96
C CYS A 274 11.92 -9.73 4.73
N SER A 275 12.53 -9.99 3.57
CA SER A 275 11.80 -10.10 2.32
C SER A 275 11.31 -11.52 2.04
N TRP A 276 10.52 -11.67 0.99
CA TRP A 276 10.10 -13.00 0.56
C TRP A 276 11.33 -13.80 0.12
N LEU A 277 12.24 -13.14 -0.60
CA LEU A 277 13.47 -13.76 -1.06
C LEU A 277 14.30 -14.36 0.06
N ALA A 278 14.53 -13.59 1.12
CA ALA A 278 15.31 -14.06 2.27
C ALA A 278 14.63 -15.25 2.94
N VAL A 279 13.40 -15.06 3.40
CA VAL A 279 12.60 -16.10 4.07
C VAL A 279 12.59 -17.41 3.28
N THR A 280 12.28 -17.31 1.99
CA THR A 280 12.16 -18.48 1.12
C THR A 280 13.52 -19.14 0.87
N PHE A 281 14.57 -18.32 0.82
CA PHE A 281 15.94 -18.83 0.66
C PHE A 281 16.30 -19.69 1.86
N LEU A 282 16.08 -19.15 3.06
CA LEU A 282 16.44 -19.85 4.29
C LEU A 282 15.56 -21.08 4.53
N GLY A 283 14.48 -21.19 3.75
CA GLY A 283 13.61 -22.36 3.77
C GLY A 283 13.98 -23.36 2.70
N LYS A 284 15.18 -23.20 2.13
CA LYS A 284 15.60 -23.98 0.96
C LYS A 284 17.08 -24.31 1.01
N ALA A 285 17.86 -23.41 1.59
CA ALA A 285 19.32 -23.43 1.51
C ALA A 285 20.00 -24.45 2.43
N ASN A 286 21.14 -24.97 1.98
CA ASN A 286 22.01 -25.81 2.81
C ASN A 286 22.88 -24.95 3.73
N ALA A 287 23.50 -25.57 4.74
CA ALA A 287 24.28 -24.86 5.75
C ALA A 287 25.40 -24.00 5.18
N ALA A 288 26.01 -24.46 4.09
CA ALA A 288 27.10 -23.74 3.41
C ALA A 288 26.61 -22.42 2.78
N GLN A 289 25.41 -22.44 2.20
CA GLN A 289 24.77 -21.24 1.65
C GLN A 289 24.34 -20.29 2.77
N VAL A 290 23.63 -20.83 3.76
CA VAL A 290 23.21 -20.09 4.97
C VAL A 290 24.36 -19.26 5.58
N ALA A 291 25.56 -19.86 5.69
CA ALA A 291 26.72 -19.18 6.28
C ALA A 291 27.21 -18.03 5.40
N GLU A 292 27.19 -18.27 4.08
CA GLU A 292 27.60 -17.30 3.06
C GLU A 292 26.53 -16.23 2.90
N PHE A 293 25.36 -16.50 3.48
CA PHE A 293 24.28 -15.53 3.55
C PHE A 293 24.50 -14.63 4.76
N LYS A 294 24.57 -15.22 5.96
CA LYS A 294 24.80 -14.47 7.19
C LYS A 294 25.98 -13.51 7.05
N ALA A 295 27.07 -14.00 6.45
CA ALA A 295 28.30 -13.25 6.35
C ALA A 295 28.28 -12.17 5.28
N ASN A 296 27.14 -12.05 4.58
CA ASN A 296 27.02 -11.07 3.48
C ASN A 296 25.71 -10.27 3.45
N TYR A 297 24.70 -10.73 4.18
CA TYR A 297 23.39 -10.09 4.20
C TYR A 297 23.31 -8.96 5.22
N GLY A 298 22.58 -7.90 4.85
CA GLY A 298 22.36 -6.76 5.72
C GLY A 298 23.49 -5.75 5.66
N ASP A 299 24.29 -5.83 4.61
CA ASP A 299 25.45 -4.95 4.46
C ASP A 299 25.33 -4.05 3.25
N LYS A 300 25.95 -2.88 3.35
CA LYS A 300 25.86 -1.83 2.34
C LYS A 300 26.79 -2.09 1.16
N ASP A 301 27.97 -2.62 1.45
CA ASP A 301 29.02 -2.84 0.45
C ASP A 301 28.55 -3.73 -0.72
N PRO A 302 28.49 -3.15 -1.94
CA PRO A 302 28.00 -3.77 -3.18
C PRO A 302 28.49 -5.19 -3.45
N ALA A 303 29.74 -5.48 -3.05
CA ALA A 303 30.32 -6.81 -3.20
C ALA A 303 29.56 -7.88 -2.39
N LYS A 304 29.14 -7.51 -1.18
CA LYS A 304 28.34 -8.38 -0.31
C LYS A 304 26.93 -8.59 -0.90
N VAL A 305 26.39 -7.53 -1.52
CA VAL A 305 25.11 -7.58 -2.23
C VAL A 305 25.20 -8.53 -3.42
N ALA A 306 26.32 -8.46 -4.16
CA ALA A 306 26.56 -9.34 -5.31
C ALA A 306 26.46 -10.81 -4.92
N VAL A 307 27.09 -11.17 -3.80
CA VAL A 307 27.05 -12.54 -3.26
C VAL A 307 25.60 -13.02 -3.07
N VAL A 308 24.77 -12.14 -2.49
CA VAL A 308 23.36 -12.45 -2.23
C VAL A 308 22.56 -12.60 -3.54
N LYS A 309 22.63 -11.59 -4.41
CA LYS A 309 22.01 -11.65 -5.74
C LYS A 309 22.53 -12.83 -6.58
N ARG A 310 23.81 -13.17 -6.39
CA ARG A 310 24.38 -14.36 -7.01
C ARG A 310 23.74 -15.62 -6.43
N LEU A 311 23.63 -15.68 -5.10
CA LEU A 311 23.02 -16.82 -4.41
C LEU A 311 21.59 -17.06 -4.88
N TYR A 312 20.79 -16.00 -4.92
CA TYR A 312 19.38 -16.11 -5.29
C TYR A 312 19.16 -16.73 -6.69
N SER A 313 19.97 -16.34 -7.66
CA SER A 313 19.89 -16.91 -9.00
C SER A 313 20.19 -18.41 -9.00
N GLU A 314 21.19 -18.80 -8.19
CA GLU A 314 21.57 -20.20 -8.04
C GLU A 314 20.56 -20.98 -7.21
N ALA A 315 20.08 -20.36 -6.14
CA ALA A 315 19.04 -20.94 -5.28
C ALA A 315 17.71 -21.15 -6.01
N ASN A 316 17.64 -20.69 -7.26
CA ASN A 316 16.48 -20.87 -8.13
C ASN A 316 15.19 -20.44 -7.43
N LEU A 317 15.04 -19.14 -7.20
CA LEU A 317 13.85 -18.62 -6.49
C LEU A 317 12.71 -18.25 -7.43
N GLN A 318 12.95 -18.37 -8.72
CA GLN A 318 11.89 -18.34 -9.73
C GLN A 318 11.02 -19.58 -9.61
N ALA A 319 11.62 -20.66 -9.10
CA ALA A 319 10.91 -21.92 -8.88
C ALA A 319 9.79 -21.73 -7.85
N ASP A 320 10.17 -21.34 -6.65
CA ASP A 320 9.22 -21.20 -5.53
C ASP A 320 8.21 -20.09 -5.77
N PHE A 321 8.59 -19.08 -6.55
CA PHE A 321 7.69 -18.00 -6.92
C PHE A 321 6.57 -18.52 -7.80
N ALA A 322 6.92 -19.24 -8.87
CA ALA A 322 5.97 -19.95 -9.70
C ALA A 322 5.03 -20.80 -8.85
N ALA A 323 5.62 -21.63 -7.99
CA ALA A 323 4.87 -22.51 -7.07
C ALA A 323 3.97 -21.73 -6.11
N TYR A 324 4.43 -20.54 -5.71
CA TYR A 324 3.64 -19.62 -4.89
C TYR A 324 2.53 -18.96 -5.71
N GLU A 325 2.88 -18.43 -6.89
CA GLU A 325 1.94 -17.78 -7.81
C GLU A 325 0.77 -18.71 -8.15
N ALA A 326 1.08 -19.95 -8.51
CA ALA A 326 0.05 -20.94 -8.85
C ALA A 326 -0.74 -21.49 -7.64
N GLU A 327 -0.21 -21.32 -6.42
CA GLU A 327 -0.96 -21.65 -5.22
C GLU A 327 -1.83 -20.46 -4.81
N VAL A 328 -1.42 -19.26 -5.20
CA VAL A 328 -2.21 -18.07 -4.98
C VAL A 328 -3.37 -18.03 -5.98
N VAL A 329 -3.06 -18.14 -7.28
CA VAL A 329 -4.10 -18.19 -8.33
C VAL A 329 -5.13 -19.23 -7.93
N ARG A 330 -4.65 -20.30 -7.32
CA ARG A 330 -5.46 -21.40 -6.84
C ARG A 330 -6.49 -20.95 -5.80
N GLU A 331 -6.02 -20.24 -4.76
CA GLU A 331 -6.87 -19.89 -3.62
C GLU A 331 -7.68 -18.61 -3.84
N VAL A 332 -7.16 -17.74 -4.69
CA VAL A 332 -7.86 -16.52 -5.11
C VAL A 332 -9.12 -16.83 -5.93
N GLU A 333 -8.99 -17.75 -6.88
CA GLU A 333 -10.10 -18.17 -7.72
C GLU A 333 -11.16 -18.94 -6.95
N SER A 334 -10.68 -19.64 -5.92
CA SER A 334 -11.53 -20.36 -4.98
C SER A 334 -12.44 -19.38 -4.23
N LEU A 335 -11.83 -18.32 -3.69
CA LEU A 335 -12.57 -17.33 -2.93
C LEU A 335 -13.56 -16.53 -3.78
N ILE A 336 -13.27 -16.38 -5.06
CA ILE A 336 -14.17 -15.66 -5.96
C ILE A 336 -15.47 -16.45 -6.22
N GLU A 337 -15.34 -17.78 -6.32
CA GLU A 337 -16.50 -18.68 -6.42
C GLU A 337 -17.34 -18.53 -5.17
N GLN A 338 -16.69 -18.53 -4.02
CA GLN A 338 -17.34 -18.35 -2.73
C GLN A 338 -18.04 -16.99 -2.65
N LEU A 339 -17.41 -15.98 -3.23
CA LEU A 339 -17.98 -14.63 -3.30
C LEU A 339 -19.25 -14.56 -4.15
N LYS A 340 -19.28 -15.29 -5.26
CA LYS A 340 -20.44 -15.33 -6.17
C LYS A 340 -21.74 -15.78 -5.50
N VAL A 341 -21.63 -16.42 -4.34
CA VAL A 341 -22.79 -16.94 -3.60
C VAL A 341 -23.70 -15.82 -3.12
N LYS A 342 -23.12 -14.79 -2.52
CA LYS A 342 -23.90 -13.65 -2.06
C LYS A 342 -23.83 -12.45 -3.03
N SER A 343 -22.66 -12.20 -3.61
CA SER A 343 -22.44 -10.98 -4.40
C SER A 343 -21.71 -11.24 -5.71
N PRO A 344 -22.45 -11.65 -6.75
CA PRO A 344 -21.89 -11.99 -8.07
C PRO A 344 -21.10 -10.86 -8.74
N THR A 345 -21.56 -9.61 -8.57
CA THR A 345 -20.92 -8.47 -9.21
C THR A 345 -19.70 -8.00 -8.42
N PHE A 346 -19.76 -8.13 -7.10
CA PHE A 346 -18.59 -7.86 -6.27
C PHE A 346 -17.50 -8.90 -6.54
N ALA A 347 -17.91 -10.16 -6.64
CA ALA A 347 -17.02 -11.26 -7.04
C ALA A 347 -16.24 -10.93 -8.30
N GLU A 348 -16.92 -10.45 -9.34
CA GLU A 348 -16.23 -10.11 -10.58
C GLU A 348 -15.45 -8.79 -10.51
N SER A 349 -15.73 -7.98 -9.49
CA SER A 349 -14.93 -6.78 -9.22
C SER A 349 -13.63 -7.18 -8.50
N VAL A 350 -13.75 -8.15 -7.59
CA VAL A 350 -12.59 -8.76 -6.95
C VAL A 350 -11.77 -9.49 -8.02
N ALA A 351 -12.46 -10.17 -8.93
CA ALA A 351 -11.80 -10.87 -10.04
C ALA A 351 -10.99 -9.90 -10.89
N VAL A 352 -11.58 -8.75 -11.23
CA VAL A 352 -10.90 -7.71 -11.99
C VAL A 352 -9.64 -7.23 -11.24
N VAL A 353 -9.75 -7.14 -9.91
CA VAL A 353 -8.63 -6.75 -9.05
C VAL A 353 -7.47 -7.75 -9.15
N TRP A 354 -7.78 -9.04 -9.08
CA TRP A 354 -6.78 -10.09 -9.11
C TRP A 354 -5.92 -10.06 -10.36
N GLU A 355 -6.57 -10.02 -11.52
CA GLU A 355 -5.87 -9.92 -12.78
C GLU A 355 -5.02 -8.65 -12.83
N LYS A 356 -5.57 -7.54 -12.34
CA LYS A 356 -4.88 -6.25 -12.34
C LYS A 356 -3.64 -6.24 -11.44
N THR A 357 -3.46 -7.30 -10.65
CA THR A 357 -2.26 -7.49 -9.85
C THR A 357 -1.36 -8.56 -10.50
N HIS A 358 -1.98 -9.66 -10.90
CA HIS A 358 -1.30 -10.76 -11.59
C HIS A 358 -0.63 -10.28 -12.89
N LYS A 359 -1.36 -9.46 -13.67
CA LYS A 359 -0.88 -8.93 -14.94
C LYS A 359 0.29 -7.96 -14.74
N ARG A 360 0.08 -6.92 -13.92
CA ARG A 360 1.13 -5.96 -13.61
C ARG A 360 2.33 -6.65 -12.96
O6 0MQ B . 8.26 -2.97 -0.20
P2 0MQ B . 8.27 -1.99 0.93
O4 0MQ B . 7.67 -2.39 2.26
O5 0MQ B . 9.79 -1.59 1.22
C1 0MQ B . 7.39 -0.52 0.36
P1 0MQ B . 8.32 0.22 -1.02
O3 0MQ B . 9.22 1.32 -0.52
O2 0MQ B . 9.27 -0.94 -1.63
O1 0MQ B . 7.29 0.57 -2.06
C2 0MQ B . 7.26 0.47 1.51
N1 0MQ B . 6.23 -0.02 2.41
C3 0MQ B . 5.26 0.90 2.97
C4 0MQ B . 4.23 1.34 1.92
C5 0MQ B . 3.20 2.30 2.52
C6 0MQ B . 2.55 1.73 3.78
C7 0MQ B . 3.57 1.22 4.80
C8 0MQ B . 4.54 0.24 4.14
MG MG C . 10.30 0.42 2.38
MG MG D . 10.56 -3.33 -1.33
C1 IPE E . 3.36 1.17 -4.84
O1 IPE E . 2.74 2.43 -4.57
C2 IPE E . 4.52 0.95 -3.88
C3 IPE E . 4.06 0.51 -2.50
C4 IPE E . 3.51 1.37 -1.66
C5 IPE E . 4.23 -0.90 -2.05
PA IPE E . 1.99 3.32 -5.69
O1A IPE E . 1.15 4.37 -5.00
O2A IPE E . 3.04 3.78 -6.68
O3A IPE E . 0.99 2.29 -6.42
PB IPE E . -0.05 2.85 -7.52
O1B IPE E . 0.84 3.62 -8.46
O2B IPE E . -1.02 3.70 -6.73
O3B IPE E . -0.67 1.62 -8.12
S SO4 F . -17.25 22.66 6.27
O1 SO4 F . -17.97 23.80 5.71
O2 SO4 F . -16.20 23.16 7.14
O3 SO4 F . -18.19 21.83 7.03
O4 SO4 F . -16.68 21.86 5.18
S SO4 G . 7.75 10.56 -1.43
O1 SO4 G . 8.32 10.91 -0.12
O2 SO4 G . 7.97 11.64 -2.38
O3 SO4 G . 6.32 10.30 -1.31
O4 SO4 G . 8.41 9.35 -1.92
#